data_6U03
#
_entry.id   6U03
#
_cell.length_a   50.227
_cell.length_b   55.667
_cell.length_c   81.795
_cell.angle_alpha   90.000
_cell.angle_beta   90.000
_cell.angle_gamma   90.000
#
_symmetry.space_group_name_H-M   'P 21 21 21'
#
loop_
_entity.id
_entity.type
_entity.pdbx_description
1 polymer 'tRNA ligase'
2 non-polymer "GUANOSINE-5'-TRIPHOSPHATE"
3 non-polymer 'MAGNESIUM ION'
4 water water
#
_entity_poly.entity_id   1
_entity_poly.type   'polypeptide(L)'
_entity_poly.pdbx_seq_one_letter_code
;ANGNEGLSTTTKYIFVPIATIGCGKTTVFNTLNNLFPQWTHIQNNNISKKAKLKICDLTLLALEDDDQSVVLFDRNNSAS
RERRQIFTTIDQKRDEHLDDTVDLKYIAINFIPEDLSEEELWDITYNRVIQRGDNHQSIKSQLDENLVESVMKGFIQRYQ
PINTSRSPDDQFDHVIHLKLSKDENSLKSSLENVRIIIDDLVQNFPDLIKEKPADELINECFQKALDYKPTFVKN
;
_entity_poly.pdbx_strand_id   A
#
# COMPACT_ATOMS: atom_id res chain seq x y z
N LEU A 7 -15.01 -16.80 13.27
CA LEU A 7 -15.86 -17.64 14.11
C LEU A 7 -15.33 -19.07 14.12
N SER A 8 -14.76 -19.49 13.00
CA SER A 8 -14.19 -20.83 12.87
C SER A 8 -13.09 -20.86 11.82
N THR A 9 -13.21 -20.03 10.79
CA THR A 9 -12.19 -19.89 9.74
C THR A 9 -12.23 -18.44 9.28
N THR A 10 -11.26 -17.63 9.70
CA THR A 10 -11.24 -16.22 9.32
C THR A 10 -10.07 -15.93 8.38
N THR A 11 -10.34 -15.11 7.37
CA THR A 11 -9.37 -14.70 6.36
C THR A 11 -8.98 -13.26 6.63
N LYS A 12 -7.68 -12.98 6.68
CA LYS A 12 -7.19 -11.63 6.88
C LYS A 12 -6.28 -11.25 5.72
N TYR A 13 -6.11 -9.95 5.52
CA TYR A 13 -5.45 -9.45 4.32
C TYR A 13 -4.40 -8.42 4.69
N ILE A 14 -3.24 -8.54 4.04
CA ILE A 14 -2.19 -7.53 4.13
C ILE A 14 -2.02 -6.96 2.72
N PHE A 15 -2.25 -5.66 2.58
CA PHE A 15 -2.14 -4.95 1.30
C PHE A 15 -0.73 -4.37 1.24
N VAL A 16 0.07 -4.85 0.28
CA VAL A 16 1.50 -4.54 0.18
C VAL A 16 1.72 -3.68 -1.06
N PRO A 17 2.14 -2.42 -0.94
CA PRO A 17 2.49 -1.66 -2.13
C PRO A 17 3.81 -2.11 -2.71
N ILE A 18 3.94 -1.90 -4.02
CA ILE A 18 5.22 -1.88 -4.70
C ILE A 18 5.26 -0.50 -5.34
N ALA A 19 6.16 0.35 -4.87
CA ALA A 19 6.04 1.77 -5.14
C ALA A 19 7.37 2.46 -4.87
N THR A 20 7.43 3.74 -5.24
CA THR A 20 8.50 4.63 -4.80
C THR A 20 7.87 5.85 -4.14
N ILE A 21 8.72 6.77 -3.65
CA ILE A 21 8.21 7.91 -2.92
C ILE A 21 7.30 8.75 -3.81
N GLY A 22 6.16 9.15 -3.24
CA GLY A 22 5.25 10.04 -3.92
C GLY A 22 4.34 9.41 -4.95
N CYS A 23 4.29 8.07 -5.01
CA CYS A 23 3.37 7.37 -5.90
C CYS A 23 1.92 7.50 -5.43
N GLY A 24 1.67 7.99 -4.22
CA GLY A 24 0.33 8.11 -3.69
C GLY A 24 -0.07 7.04 -2.73
N LYS A 25 0.90 6.27 -2.18
CA LYS A 25 0.58 5.19 -1.25
C LYS A 25 -0.30 5.69 -0.11
N THR A 26 0.16 6.75 0.56
CA THR A 26 -0.53 7.20 1.76
C THR A 26 -1.88 7.82 1.43
N THR A 27 -1.97 8.52 0.29
CA THR A 27 -3.24 9.10 -0.12
C THR A 27 -4.26 8.01 -0.44
N VAL A 28 -3.82 6.99 -1.17
CA VAL A 28 -4.71 5.87 -1.49
C VAL A 28 -5.13 5.14 -0.22
N PHE A 29 -4.15 4.85 0.65
CA PHE A 29 -4.48 4.08 1.85
C PHE A 29 -5.34 4.90 2.83
N ASN A 30 -5.09 6.21 2.94
CA ASN A 30 -5.93 7.04 3.80
C ASN A 30 -7.36 7.12 3.28
N THR A 31 -7.53 7.19 1.95
CA THR A 31 -8.87 7.18 1.39
C THR A 31 -9.59 5.90 1.75
N LEU A 32 -8.92 4.76 1.54
CA LEU A 32 -9.53 3.47 1.89
C LEU A 32 -9.85 3.39 3.38
N ASN A 33 -8.98 3.91 4.24
CA ASN A 33 -9.24 3.83 5.67
C ASN A 33 -10.37 4.77 6.06
N ASN A 34 -10.51 5.90 5.36
CA ASN A 34 -11.68 6.77 5.57
C ASN A 34 -12.96 6.04 5.19
N LEU A 35 -12.92 5.24 4.13
CA LEU A 35 -14.10 4.48 3.72
C LEU A 35 -14.36 3.31 4.66
N PHE A 36 -13.30 2.70 5.16
CA PHE A 36 -13.39 1.43 5.92
C PHE A 36 -12.64 1.63 7.22
N PRO A 37 -13.30 2.22 8.23
CA PRO A 37 -12.59 2.61 9.45
C PRO A 37 -12.02 1.44 10.23
N GLN A 38 -12.53 0.22 10.02
CA GLN A 38 -12.04 -0.94 10.75
C GLN A 38 -10.74 -1.48 10.19
N TRP A 39 -10.35 -1.05 8.98
CA TRP A 39 -9.04 -1.41 8.45
C TRP A 39 -7.95 -0.67 9.24
N THR A 40 -6.75 -1.26 9.28
CA THR A 40 -5.61 -0.69 10.00
C THR A 40 -4.54 -0.25 9.02
N HIS A 41 -4.22 1.04 9.04
CA HIS A 41 -3.20 1.63 8.17
C HIS A 41 -1.96 1.83 9.01
N ILE A 42 -0.89 1.10 8.70
CA ILE A 42 0.38 1.20 9.43
C ILE A 42 1.38 1.91 8.53
N GLN A 43 1.88 3.06 8.97
CA GLN A 43 2.75 3.88 8.16
C GLN A 43 4.20 3.70 8.61
N ASN A 44 5.02 3.09 7.74
CA ASN A 44 6.42 2.87 8.08
C ASN A 44 7.14 4.17 8.42
N ASN A 45 6.73 5.27 7.78
CA ASN A 45 7.36 6.56 8.05
C ASN A 45 7.14 7.03 9.48
N ASN A 46 6.04 6.62 10.10
CA ASN A 46 5.73 7.06 11.46
C ASN A 46 6.34 6.16 12.54
N ILE A 47 7.16 5.18 12.15
CA ILE A 47 7.74 4.24 13.10
C ILE A 47 9.21 4.62 13.31
N SER A 48 9.61 4.73 14.58
CA SER A 48 11.00 5.04 14.87
C SER A 48 11.89 3.86 14.53
N LYS A 49 13.03 4.13 13.89
CA LYS A 49 13.95 3.05 13.56
C LYS A 49 14.64 2.47 14.79
N LYS A 50 14.33 3.00 15.98
CA LYS A 50 14.69 2.40 17.25
C LYS A 50 13.43 2.05 18.04
N ALA A 51 12.38 1.62 17.34
CA ALA A 51 11.16 1.16 18.00
C ALA A 51 11.25 -0.33 18.28
N LYS A 52 10.62 -0.76 19.37
CA LYS A 52 10.67 -2.18 19.72
C LYS A 52 9.88 -3.02 18.71
N LEU A 53 8.67 -2.58 18.37
CA LEU A 53 7.82 -3.30 17.42
C LEU A 53 7.91 -2.60 16.07
N LYS A 54 8.40 -3.31 15.06
CA LYS A 54 8.53 -2.73 13.74
C LYS A 54 7.29 -3.07 12.90
N ILE A 55 7.26 -2.63 11.63
CA ILE A 55 6.01 -2.68 10.87
C ILE A 55 5.47 -4.10 10.74
N CYS A 56 6.35 -5.12 10.61
CA CYS A 56 5.84 -6.49 10.56
C CYS A 56 5.25 -6.92 11.89
N ASP A 57 5.82 -6.47 13.01
CA ASP A 57 5.27 -6.78 14.33
C ASP A 57 3.92 -6.11 14.51
N LEU A 58 3.82 -4.83 14.14
CA LEU A 58 2.57 -4.11 14.30
C LEU A 58 1.49 -4.69 13.40
N THR A 59 1.89 -5.23 12.24
CA THR A 59 0.93 -5.85 11.33
C THR A 59 0.28 -7.06 11.99
N LEU A 60 1.08 -7.93 12.59
CA LEU A 60 0.52 -9.13 13.20
C LEU A 60 -0.30 -8.78 14.44
N LEU A 61 0.14 -7.79 15.22
CA LEU A 61 -0.66 -7.32 16.35
C LEU A 61 -2.01 -6.80 15.89
N ALA A 62 -2.05 -6.16 14.73
CA ALA A 62 -3.27 -5.55 14.19
C ALA A 62 -4.13 -6.55 13.43
N LEU A 63 -3.82 -7.84 13.54
CA LEU A 63 -4.67 -8.88 12.97
C LEU A 63 -5.10 -9.88 14.04
N GLU A 64 -4.82 -9.61 15.31
CA GLU A 64 -5.12 -10.57 16.37
C GLU A 64 -6.61 -10.63 16.66
N ASP A 65 -7.29 -9.49 16.70
CA ASP A 65 -8.68 -9.49 17.13
C ASP A 65 -9.59 -9.89 15.97
N ASP A 66 -10.73 -10.48 16.32
CA ASP A 66 -11.73 -10.77 15.29
C ASP A 66 -12.23 -9.49 14.64
N ASP A 67 -12.05 -8.35 15.32
CA ASP A 67 -12.39 -7.03 14.77
C ASP A 67 -11.53 -6.65 13.58
N GLN A 68 -10.32 -7.19 13.51
CA GLN A 68 -9.26 -6.67 12.64
C GLN A 68 -8.99 -7.68 11.53
N SER A 69 -9.24 -7.27 10.30
CA SER A 69 -9.04 -8.18 9.17
C SER A 69 -8.16 -7.64 8.06
N VAL A 70 -7.90 -6.33 7.98
CA VAL A 70 -7.11 -5.76 6.89
C VAL A 70 -6.01 -4.89 7.49
N VAL A 71 -4.78 -5.08 7.03
CA VAL A 71 -3.69 -4.16 7.30
C VAL A 71 -3.25 -3.53 5.99
N LEU A 72 -3.26 -2.20 5.94
CA LEU A 72 -2.63 -1.47 4.85
C LEU A 72 -1.17 -1.21 5.26
N PHE A 73 -0.26 -1.96 4.66
CA PHE A 73 1.17 -2.00 4.95
C PHE A 73 1.85 -0.89 4.17
N ASP A 74 1.93 0.30 4.77
CA ASP A 74 2.31 1.50 4.01
C ASP A 74 3.82 1.68 4.05
N ARG A 75 4.49 1.09 3.05
CA ARG A 75 5.93 1.15 2.86
C ARG A 75 6.16 0.97 1.36
N ASN A 76 7.28 1.50 0.85
CA ASN A 76 7.51 1.46 -0.60
C ASN A 76 7.67 0.03 -1.13
N ASN A 77 8.56 -0.76 -0.51
CA ASN A 77 8.92 -2.09 -1.01
C ASN A 77 9.35 -2.05 -2.48
N SER A 78 10.11 -1.01 -2.84
CA SER A 78 10.59 -0.93 -4.22
C SER A 78 11.51 -2.08 -4.58
N ALA A 79 12.31 -2.58 -3.62
CA ALA A 79 13.25 -3.66 -3.87
C ALA A 79 12.61 -5.02 -3.59
N SER A 80 13.00 -6.02 -4.39
CA SER A 80 12.45 -7.38 -4.22
C SER A 80 12.69 -7.90 -2.80
N ARG A 81 13.87 -7.64 -2.25
CA ARG A 81 14.20 -8.12 -0.90
C ARG A 81 13.25 -7.55 0.15
N GLU A 82 12.68 -6.37 -0.09
CA GLU A 82 11.71 -5.81 0.85
C GLU A 82 10.40 -6.59 0.83
N ARG A 83 10.01 -7.11 -0.34
CA ARG A 83 8.85 -7.99 -0.34
C ARG A 83 9.17 -9.31 0.35
N ARG A 84 10.35 -9.86 0.08
CA ARG A 84 10.74 -11.12 0.69
C ARG A 84 10.76 -11.00 2.21
N GLN A 85 11.25 -9.87 2.72
CA GLN A 85 11.20 -9.62 4.17
C GLN A 85 9.79 -9.78 4.72
N ILE A 86 8.79 -9.22 4.02
CA ILE A 86 7.42 -9.29 4.53
C ILE A 86 6.97 -10.74 4.63
N PHE A 87 7.10 -11.49 3.53
CA PHE A 87 6.62 -12.87 3.50
C PHE A 87 7.32 -13.71 4.57
N THR A 88 8.64 -13.64 4.62
CA THR A 88 9.38 -14.49 5.55
C THR A 88 9.07 -14.10 6.99
N THR A 89 9.13 -12.80 7.30
CA THR A 89 8.94 -12.36 8.70
C THR A 89 7.53 -12.69 9.19
N ILE A 90 6.51 -12.39 8.39
CA ILE A 90 5.14 -12.67 8.83
C ILE A 90 4.91 -14.18 8.93
N ASP A 91 5.39 -14.94 7.94
CA ASP A 91 5.24 -16.39 7.99
C ASP A 91 5.92 -16.98 9.22
N GLN A 92 7.10 -16.45 9.59
CA GLN A 92 7.83 -17.04 10.72
C GLN A 92 7.14 -16.75 12.05
N LYS A 93 6.54 -15.58 12.19
CA LYS A 93 6.06 -15.10 13.47
C LYS A 93 4.55 -15.20 13.63
N ARG A 94 3.83 -15.61 12.59
CA ARG A 94 2.38 -15.55 12.68
C ARG A 94 1.84 -16.44 13.79
N ASP A 95 2.46 -17.60 14.01
CA ASP A 95 2.01 -18.50 15.09
C ASP A 95 2.25 -17.94 16.47
N GLU A 96 3.03 -16.86 16.60
CA GLU A 96 3.16 -16.22 17.91
C GLU A 96 1.85 -15.57 18.33
N HIS A 97 1.01 -15.18 17.36
CA HIS A 97 -0.15 -14.35 17.63
C HIS A 97 -1.47 -14.87 17.09
N LEU A 98 -1.47 -15.75 16.08
CA LEU A 98 -2.68 -16.17 15.41
C LEU A 98 -2.84 -17.68 15.51
N ASP A 99 -4.06 -18.13 15.81
CA ASP A 99 -4.26 -19.57 15.83
C ASP A 99 -4.35 -20.10 14.40
N ASP A 100 -4.43 -21.42 14.27
CA ASP A 100 -4.35 -22.06 12.97
C ASP A 100 -5.62 -21.92 12.16
N THR A 101 -6.66 -21.29 12.69
CA THR A 101 -7.86 -21.09 11.88
C THR A 101 -7.82 -19.81 11.07
N VAL A 102 -6.76 -19.01 11.20
CA VAL A 102 -6.68 -17.71 10.52
C VAL A 102 -5.87 -17.90 9.24
N ASP A 103 -6.47 -17.52 8.11
CA ASP A 103 -5.84 -17.61 6.80
C ASP A 103 -5.40 -16.21 6.39
N LEU A 104 -4.12 -16.07 6.03
CA LEU A 104 -3.52 -14.77 5.72
C LEU A 104 -3.34 -14.68 4.22
N LYS A 105 -3.82 -13.61 3.60
CA LYS A 105 -3.62 -13.41 2.17
C LYS A 105 -2.82 -12.12 1.94
N TYR A 106 -1.90 -12.19 0.98
CA TYR A 106 -1.06 -11.06 0.61
C TYR A 106 -1.53 -10.53 -0.73
N ILE A 107 -1.96 -9.27 -0.75
CA ILE A 107 -2.43 -8.61 -1.98
C ILE A 107 -1.43 -7.52 -2.31
N ALA A 108 -0.75 -7.69 -3.43
CA ALA A 108 0.15 -6.66 -3.94
C ALA A 108 -0.66 -5.53 -4.56
N ILE A 109 -0.26 -4.30 -4.26
CA ILE A 109 -0.88 -3.11 -4.86
C ILE A 109 0.23 -2.46 -5.68
N ASN A 110 0.22 -2.67 -6.99
CA ASN A 110 1.34 -2.25 -7.82
C ASN A 110 1.12 -0.81 -8.28
N PHE A 111 1.96 0.12 -7.79
CA PHE A 111 1.79 1.55 -8.06
C PHE A 111 2.52 2.00 -9.31
N ILE A 112 3.40 1.19 -9.87
CA ILE A 112 4.27 1.60 -10.99
C ILE A 112 3.99 0.69 -12.17
N PRO A 113 3.23 1.14 -13.15
CA PRO A 113 2.88 0.30 -14.31
C PRO A 113 4.11 -0.25 -15.02
N GLU A 114 3.94 -1.47 -15.54
CA GLU A 114 5.00 -2.17 -16.27
C GLU A 114 5.65 -1.31 -17.34
N ASP A 115 4.86 -0.52 -18.07
CA ASP A 115 5.35 0.20 -19.23
C ASP A 115 5.75 1.65 -18.92
N LEU A 116 5.80 2.04 -17.66
CA LEU A 116 6.18 3.41 -17.32
C LEU A 116 7.71 3.56 -17.35
N SER A 117 8.18 4.58 -18.05
CA SER A 117 9.61 4.82 -18.07
C SER A 117 10.06 5.39 -16.74
N GLU A 118 11.35 5.21 -16.45
CA GLU A 118 11.91 5.81 -15.25
C GLU A 118 11.82 7.32 -15.33
N GLU A 119 11.94 7.87 -16.54
CA GLU A 119 11.85 9.32 -16.71
C GLU A 119 10.46 9.84 -16.34
N GLU A 120 9.41 9.14 -16.76
CA GLU A 120 8.06 9.57 -16.43
C GLU A 120 7.74 9.33 -14.96
N LEU A 121 8.25 8.22 -14.40
CA LEU A 121 8.08 7.99 -12.97
C LEU A 121 8.66 9.15 -12.18
N TRP A 122 9.87 9.56 -12.53
CA TRP A 122 10.51 10.66 -11.83
C TRP A 122 9.73 11.95 -11.99
N ASP A 123 9.39 12.31 -13.24
CA ASP A 123 8.66 13.56 -13.48
C ASP A 123 7.38 13.62 -12.66
N ILE A 124 6.61 12.52 -12.63
CA ILE A 124 5.33 12.56 -11.92
C ILE A 124 5.55 12.66 -10.42
N THR A 125 6.42 11.80 -9.86
CA THR A 125 6.53 11.75 -8.41
C THR A 125 7.32 12.95 -7.87
N TYR A 126 8.38 13.37 -8.55
CA TYR A 126 9.17 14.49 -8.06
C TYR A 126 8.36 15.77 -8.01
N ASN A 127 7.54 16.01 -9.04
CA ASN A 127 6.70 17.20 -9.04
C ASN A 127 5.61 17.14 -7.97
N ARG A 128 5.09 15.95 -7.68
CA ARG A 128 4.15 15.83 -6.56
C ARG A 128 4.83 16.16 -5.25
N VAL A 129 6.06 15.70 -5.07
CA VAL A 129 6.73 15.83 -3.78
C VAL A 129 7.23 17.25 -3.57
N ILE A 130 7.77 17.89 -4.61
CA ILE A 130 8.18 19.28 -4.45
C ILE A 130 6.99 20.20 -4.22
N GLN A 131 5.83 19.89 -4.83
CA GLN A 131 4.67 20.75 -4.64
C GLN A 131 4.05 20.62 -3.26
N ARG A 132 4.46 19.64 -2.46
CA ARG A 132 4.06 19.57 -1.06
C ARG A 132 5.21 19.98 -0.14
N SER A 141 17.26 25.22 3.31
CA SER A 141 16.20 24.31 2.92
C SER A 141 16.38 23.90 1.47
N GLN A 142 17.37 24.49 0.80
CA GLN A 142 17.83 23.89 -0.45
C GLN A 142 18.71 22.69 -0.18
N LEU A 143 19.40 22.66 0.97
CA LEU A 143 19.98 21.41 1.44
C LEU A 143 18.88 20.40 1.80
N ASP A 144 17.75 20.88 2.33
CA ASP A 144 16.58 20.02 2.51
C ASP A 144 16.16 19.40 1.21
N GLU A 145 16.03 20.22 0.15
CA GLU A 145 15.52 19.71 -1.11
C GLU A 145 16.47 18.70 -1.73
N ASN A 146 17.78 18.94 -1.64
CA ASN A 146 18.72 17.98 -2.21
C ASN A 146 18.68 16.66 -1.48
N LEU A 147 18.40 16.69 -0.17
CA LEU A 147 18.25 15.44 0.58
C LEU A 147 17.01 14.68 0.12
N VAL A 148 15.90 15.40 -0.08
CA VAL A 148 14.68 14.75 -0.56
C VAL A 148 14.91 14.13 -1.92
N GLU A 149 15.50 14.90 -2.84
CA GLU A 149 15.76 14.39 -4.18
C GLU A 149 16.68 13.17 -4.13
N SER A 150 17.67 13.19 -3.25
CA SER A 150 18.60 12.08 -3.18
C SER A 150 17.98 10.83 -2.56
N VAL A 151 17.10 10.99 -1.55
CA VAL A 151 16.40 9.82 -1.01
C VAL A 151 15.44 9.25 -2.04
N MET A 152 14.73 10.13 -2.77
CA MET A 152 13.85 9.64 -3.82
C MET A 152 14.61 8.84 -4.87
N LYS A 153 15.79 9.33 -5.27
CA LYS A 153 16.60 8.61 -6.25
C LYS A 153 17.03 7.25 -5.75
N GLY A 154 17.26 7.10 -4.45
CA GLY A 154 17.66 5.81 -3.90
C GLY A 154 16.57 4.77 -4.00
N PHE A 155 15.32 5.15 -3.71
CA PHE A 155 14.23 4.18 -3.86
C PHE A 155 14.03 3.80 -5.32
N ILE A 156 14.25 4.74 -6.24
CA ILE A 156 14.12 4.40 -7.65
C ILE A 156 15.30 3.55 -8.10
N GLN A 157 16.53 3.88 -7.66
CA GLN A 157 17.69 3.06 -7.99
C GLN A 157 17.46 1.61 -7.62
N ARG A 158 16.87 1.35 -6.46
CA ARG A 158 16.66 0.00 -5.95
C ARG A 158 15.40 -0.68 -6.49
N TYR A 159 14.58 0.02 -7.26
CA TYR A 159 13.28 -0.50 -7.66
C TYR A 159 13.44 -1.70 -8.59
N GLN A 160 12.75 -2.78 -8.25
CA GLN A 160 12.72 -3.98 -9.08
C GLN A 160 11.25 -4.30 -9.29
N PRO A 161 10.75 -4.24 -10.53
CA PRO A 161 9.33 -4.46 -10.79
C PRO A 161 8.84 -5.79 -10.24
N ILE A 162 7.53 -5.84 -9.95
CA ILE A 162 6.94 -7.07 -9.47
C ILE A 162 7.12 -8.15 -10.54
N ASN A 163 7.37 -9.38 -10.10
CA ASN A 163 7.53 -10.51 -11.02
C ASN A 163 7.01 -11.75 -10.29
N THR A 164 5.74 -12.04 -10.52
CA THR A 164 5.08 -13.16 -9.85
C THR A 164 5.48 -14.51 -10.42
N SER A 165 6.38 -14.55 -11.42
CA SER A 165 6.86 -15.82 -11.93
C SER A 165 8.04 -16.36 -11.13
N ARG A 166 8.64 -15.54 -10.27
CA ARG A 166 9.85 -15.89 -9.52
C ARG A 166 9.66 -15.52 -8.06
N SER A 167 10.51 -16.09 -7.21
CA SER A 167 10.57 -15.65 -5.82
C SER A 167 11.13 -14.23 -5.76
N PRO A 168 10.61 -13.38 -4.85
CA PRO A 168 9.60 -13.65 -3.83
C PRO A 168 8.17 -13.27 -4.19
N ASP A 169 7.98 -12.57 -5.31
CA ASP A 169 6.64 -12.06 -5.62
C ASP A 169 5.65 -13.16 -5.96
N ASP A 170 6.11 -14.39 -6.23
CA ASP A 170 5.16 -15.47 -6.49
C ASP A 170 4.38 -15.87 -5.24
N GLN A 171 4.74 -15.33 -4.07
CA GLN A 171 3.96 -15.59 -2.86
C GLN A 171 2.72 -14.71 -2.73
N PHE A 172 2.58 -13.66 -3.54
CA PHE A 172 1.35 -12.89 -3.49
C PHE A 172 0.16 -13.74 -3.93
N ASP A 173 -0.96 -13.59 -3.21
CA ASP A 173 -2.20 -14.25 -3.57
C ASP A 173 -2.92 -13.55 -4.71
N HIS A 174 -2.65 -12.27 -4.93
CA HIS A 174 -3.36 -11.45 -5.89
C HIS A 174 -2.57 -10.17 -6.10
N VAL A 175 -2.64 -9.60 -7.30
CA VAL A 175 -2.02 -8.31 -7.60
C VAL A 175 -3.09 -7.38 -8.14
N ILE A 176 -3.14 -6.17 -7.62
CA ILE A 176 -3.98 -5.11 -8.18
C ILE A 176 -3.05 -4.15 -8.90
N HIS A 177 -3.29 -3.95 -10.19
CA HIS A 177 -2.45 -3.06 -11.01
C HIS A 177 -3.07 -1.68 -11.05
N LEU A 178 -2.33 -0.68 -10.54
CA LEU A 178 -2.79 0.70 -10.54
C LEU A 178 -2.25 1.46 -11.74
N LYS A 179 -2.76 2.66 -11.94
CA LYS A 179 -2.26 3.57 -12.97
C LYS A 179 -1.37 4.63 -12.35
N LEU A 180 -0.53 5.22 -13.19
CA LEU A 180 0.32 6.32 -12.72
C LEU A 180 0.50 7.28 -13.89
N SER A 181 -0.20 8.40 -13.85
CA SER A 181 -0.16 9.37 -14.92
C SER A 181 -0.37 10.75 -14.33
N LYS A 182 0.05 11.76 -15.09
CA LYS A 182 -0.41 13.10 -14.79
C LYS A 182 -1.93 13.07 -14.74
N ASP A 183 -2.51 13.94 -13.93
CA ASP A 183 -3.96 13.96 -13.86
C ASP A 183 -4.51 14.45 -15.20
N GLU A 184 -5.64 13.87 -15.60
CA GLU A 184 -6.30 14.27 -16.84
C GLU A 184 -7.79 14.38 -16.57
N ASN A 185 -8.44 15.33 -17.24
CA ASN A 185 -9.88 15.54 -17.12
C ASN A 185 -10.25 15.73 -15.65
N SER A 186 -9.38 16.43 -14.92
CA SER A 186 -9.55 16.82 -13.53
C SER A 186 -9.73 15.61 -12.61
N LEU A 187 -9.30 14.44 -13.04
CA LEU A 187 -9.40 13.21 -12.25
C LEU A 187 -8.00 12.84 -11.76
N LYS A 188 -7.79 12.89 -10.44
CA LYS A 188 -6.49 12.52 -9.90
C LYS A 188 -6.26 11.02 -10.09
N SER A 189 -5.03 10.64 -10.42
CA SER A 189 -4.81 9.22 -10.64
C SER A 189 -5.00 8.43 -9.36
N SER A 190 -4.72 9.01 -8.19
CA SER A 190 -4.93 8.27 -6.94
C SER A 190 -6.41 7.99 -6.69
N LEU A 191 -7.30 8.90 -7.11
CA LEU A 191 -8.74 8.63 -7.01
C LEU A 191 -9.15 7.50 -7.95
N GLU A 192 -8.67 7.55 -9.19
CA GLU A 192 -8.87 6.44 -10.11
C GLU A 192 -8.37 5.12 -9.50
N ASN A 193 -7.23 5.17 -8.81
CA ASN A 193 -6.67 3.94 -8.24
C ASN A 193 -7.49 3.44 -7.06
N VAL A 194 -8.04 4.35 -6.25
CA VAL A 194 -8.94 3.92 -5.19
C VAL A 194 -10.13 3.18 -5.79
N ARG A 195 -10.71 3.72 -6.87
CA ARG A 195 -11.83 3.04 -7.52
C ARG A 195 -11.41 1.70 -8.09
N ILE A 196 -10.22 1.63 -8.69
CA ILE A 196 -9.71 0.36 -9.21
C ILE A 196 -9.62 -0.68 -8.09
N ILE A 197 -9.06 -0.31 -6.94
CA ILE A 197 -8.91 -1.26 -5.83
C ILE A 197 -10.27 -1.76 -5.35
N ILE A 198 -11.23 -0.83 -5.16
CA ILE A 198 -12.54 -1.21 -4.64
C ILE A 198 -13.24 -2.16 -5.61
N ASP A 199 -13.18 -1.84 -6.91
CA ASP A 199 -13.83 -2.68 -7.91
C ASP A 199 -13.18 -4.05 -8.00
N ASP A 200 -11.86 -4.09 -7.91
CA ASP A 200 -11.12 -5.35 -7.93
C ASP A 200 -11.50 -6.22 -6.72
N LEU A 201 -11.53 -5.62 -5.53
CA LEU A 201 -11.86 -6.38 -4.32
C LEU A 201 -13.28 -6.91 -4.38
N VAL A 202 -14.24 -6.12 -4.86
CA VAL A 202 -15.62 -6.61 -4.86
C VAL A 202 -15.75 -7.76 -5.85
N GLN A 203 -14.93 -7.78 -6.90
CA GLN A 203 -14.95 -8.89 -7.84
C GLN A 203 -14.23 -10.12 -7.29
N ASN A 204 -13.04 -9.92 -6.74
CA ASN A 204 -12.14 -11.04 -6.42
C ASN A 204 -12.20 -11.49 -4.98
N PHE A 205 -12.70 -10.66 -4.07
CA PHE A 205 -12.80 -11.01 -2.65
C PHE A 205 -14.12 -10.49 -2.12
N PRO A 206 -15.24 -11.00 -2.65
CA PRO A 206 -16.54 -10.36 -2.41
C PRO A 206 -16.95 -10.32 -0.95
N ASP A 207 -16.45 -11.23 -0.14
CA ASP A 207 -16.79 -11.23 1.27
C ASP A 207 -16.04 -10.15 2.06
N LEU A 208 -15.05 -9.47 1.46
CA LEU A 208 -14.32 -8.45 2.21
C LEU A 208 -15.12 -7.15 2.34
N ILE A 209 -15.52 -6.56 1.21
CA ILE A 209 -16.36 -5.36 1.22
C ILE A 209 -17.81 -5.78 1.03
N LYS A 210 -18.64 -5.57 2.06
CA LYS A 210 -20.05 -5.89 1.96
C LYS A 210 -20.73 -4.95 0.98
N GLU A 211 -20.99 -3.72 1.42
CA GLU A 211 -21.60 -2.71 0.57
C GLU A 211 -20.49 -1.94 -0.13
N LYS A 212 -20.40 -2.08 -1.44
CA LYS A 212 -19.61 -1.19 -2.26
C LYS A 212 -20.01 0.25 -1.93
N PRO A 213 -19.09 1.10 -1.49
CA PRO A 213 -19.46 2.47 -1.14
C PRO A 213 -19.96 3.24 -2.35
N ALA A 214 -20.82 4.22 -2.08
CA ALA A 214 -21.35 5.07 -3.15
C ALA A 214 -20.27 5.98 -3.70
N ASP A 215 -20.38 6.31 -4.99
CA ASP A 215 -19.33 7.09 -5.66
C ASP A 215 -19.11 8.42 -4.96
N GLU A 216 -20.19 9.07 -4.51
CA GLU A 216 -20.06 10.33 -3.78
C GLU A 216 -19.26 10.15 -2.49
N LEU A 217 -19.43 9.03 -1.80
CA LEU A 217 -18.67 8.82 -0.56
C LEU A 217 -17.19 8.57 -0.85
N ILE A 218 -16.88 7.83 -1.92
CA ILE A 218 -15.49 7.66 -2.31
C ILE A 218 -14.84 9.00 -2.62
N ASN A 219 -15.55 9.83 -3.39
CA ASN A 219 -15.02 11.15 -3.74
C ASN A 219 -14.73 11.97 -2.49
N GLU A 220 -15.63 11.93 -1.51
CA GLU A 220 -15.42 12.72 -0.30
C GLU A 220 -14.31 12.15 0.57
N CYS A 221 -14.27 10.83 0.69
CA CYS A 221 -13.17 10.22 1.41
C CYS A 221 -11.83 10.51 0.73
N PHE A 222 -11.81 10.62 -0.60
CA PHE A 222 -10.57 10.96 -1.27
C PHE A 222 -10.20 12.43 -1.06
N GLN A 223 -11.18 13.33 -1.20
CA GLN A 223 -10.95 14.76 -0.93
C GLN A 223 -10.31 14.95 0.44
N LYS A 224 -10.82 14.26 1.46
CA LYS A 224 -10.25 14.34 2.80
C LYS A 224 -8.78 13.94 2.80
N ALA A 225 -8.47 12.80 2.16
CA ALA A 225 -7.09 12.33 2.10
C ALA A 225 -6.22 13.30 1.31
N LEU A 226 -6.75 13.82 0.20
CA LEU A 226 -5.95 14.66 -0.69
C LEU A 226 -5.58 15.96 -0.01
N ASP A 227 -6.53 16.58 0.68
CA ASP A 227 -6.32 17.84 1.37
C ASP A 227 -5.66 17.68 2.73
N TYR A 228 -5.39 16.45 3.14
CA TYR A 228 -4.69 16.21 4.40
C TYR A 228 -3.30 16.82 4.37
N LYS A 229 -3.01 17.66 5.36
CA LYS A 229 -1.69 18.27 5.47
C LYS A 229 -1.09 17.89 6.82
N PRO A 230 -0.27 16.84 6.89
CA PRO A 230 0.38 16.39 8.13
C PRO A 230 1.34 17.45 8.67
#